data_5FT3
#
_entry.id   5FT3
#
_cell.length_a   48.811
_cell.length_b   86.563
_cell.length_c   101.021
_cell.angle_alpha   90.00
_cell.angle_beta   90.00
_cell.angle_gamma   90.00
#
_symmetry.space_group_name_H-M   'P 21 21 21'
#
loop_
_entity.id
_entity.type
_entity.pdbx_description
1 polymer 'GLUTATHIONE S-TRANSFERASE EPSILON 2'
2 non-polymer GLUTATHIONE
3 water water
#
_entity_poly.entity_id   1
_entity_poly.type   'polypeptide(L)'
_entity_poly.pdbx_seq_one_letter_code
;MTKLILYTLHVSPPCRAVELCAKALGLELEQKTVNLLTKEHLTPEFMKMNPQHTVPVLDDNGTIVCESHAIMIYLVSKYG
KDDSLYSKELVKQAKLNAALHFESGVLFARLRFVCEPILFAGGSEIPADRAEYVQKAYQLLEDTLVDDYIVGNSLTIADF
SCVSSVSSIMGVIPMDKEKFPKIYGWLDRLKALPYYEAANGSGAEQVAQFVLSQKEKNAQKA
;
_entity_poly.pdbx_strand_id   A,B
#
# COMPACT_ATOMS: atom_id res chain seq x y z
N LYS A 3 8.77 -10.63 -26.14
CA LYS A 3 9.75 -10.23 -25.14
C LYS A 3 9.05 -9.71 -23.88
N LEU A 4 9.62 -8.68 -23.26
CA LEU A 4 9.00 -8.04 -22.10
C LEU A 4 8.29 -6.78 -22.53
N ILE A 5 6.98 -6.76 -22.33
CA ILE A 5 6.16 -5.61 -22.65
C ILE A 5 5.64 -4.97 -21.37
N LEU A 6 5.76 -3.65 -21.27
CA LEU A 6 5.19 -2.93 -20.15
C LEU A 6 4.14 -1.94 -20.66
N TYR A 7 2.90 -2.13 -20.19
CA TYR A 7 1.83 -1.16 -20.42
C TYR A 7 2.02 -0.06 -19.38
N THR A 8 2.21 1.15 -19.87
CA THR A 8 2.88 2.14 -19.04
C THR A 8 2.62 3.59 -19.45
N LEU A 9 3.01 4.49 -18.57
CA LEU A 9 3.01 5.92 -18.84
C LEU A 9 4.23 6.47 -18.11
N HIS A 10 5.13 7.14 -18.84
CA HIS A 10 6.39 7.59 -18.23
C HIS A 10 6.22 8.59 -17.09
N VAL A 11 5.16 9.38 -17.12
CA VAL A 11 4.91 10.31 -16.00
C VAL A 11 4.43 9.60 -14.73
N SER A 12 4.00 8.34 -14.85
CA SER A 12 3.46 7.59 -13.71
C SER A 12 4.55 7.07 -12.76
N PRO A 13 4.48 7.45 -11.47
CA PRO A 13 5.50 6.96 -10.53
C PRO A 13 5.66 5.43 -10.47
N PRO A 14 4.57 4.65 -10.34
CA PRO A 14 4.77 3.20 -10.24
C PRO A 14 5.35 2.59 -11.52
N CYS A 15 5.06 3.19 -12.67
CA CYS A 15 5.65 2.73 -13.92
C CYS A 15 7.17 2.96 -13.90
N ARG A 16 7.59 4.11 -13.38
CA ARG A 16 9.00 4.44 -13.34
C ARG A 16 9.78 3.58 -12.35
N ALA A 17 9.13 3.13 -11.28
CA ALA A 17 9.75 2.18 -10.36
C ALA A 17 10.15 0.92 -11.15
N VAL A 18 9.23 0.43 -11.99
CA VAL A 18 9.51 -0.73 -12.81
C VAL A 18 10.60 -0.44 -13.84
N GLU A 19 10.57 0.73 -14.46
CA GLU A 19 11.63 1.13 -15.38
C GLU A 19 13.00 1.08 -14.72
N LEU A 20 13.10 1.60 -13.50
CA LEU A 20 14.36 1.56 -12.76
C LEU A 20 14.79 0.11 -12.52
N CYS A 21 13.85 -0.71 -12.07
CA CYS A 21 14.14 -2.10 -11.77
C CYS A 21 14.65 -2.83 -13.02
N ALA A 22 13.99 -2.62 -14.15
CA ALA A 22 14.41 -3.28 -15.40
C ALA A 22 15.84 -2.88 -15.78
N LYS A 23 16.16 -1.60 -15.63
CA LYS A 23 17.50 -1.10 -15.94
C LYS A 23 18.54 -1.77 -15.04
N ALA A 24 18.21 -1.87 -13.75
CA ALA A 24 19.10 -2.49 -12.78
C ALA A 24 19.36 -3.96 -13.11
N LEU A 25 18.35 -4.62 -13.69
CA LEU A 25 18.44 -6.04 -14.04
C LEU A 25 19.02 -6.27 -15.43
N GLY A 26 19.29 -5.19 -16.16
CA GLY A 26 19.79 -5.29 -17.53
C GLY A 26 18.75 -5.80 -18.52
N LEU A 27 17.48 -5.55 -18.21
CA LEU A 27 16.39 -5.97 -19.08
C LEU A 27 15.94 -4.83 -19.96
N GLU A 28 15.54 -5.15 -21.19
CA GLU A 28 14.97 -4.17 -22.10
C GLU A 28 13.45 -4.32 -22.17
N LEU A 29 12.73 -3.27 -21.82
CA LEU A 29 11.28 -3.30 -21.86
C LEU A 29 10.76 -2.69 -23.16
N GLU A 30 9.77 -3.34 -23.76
CA GLU A 30 9.03 -2.72 -24.85
C GLU A 30 7.87 -1.96 -24.22
N GLN A 31 7.93 -0.63 -24.27
CA GLN A 31 6.93 0.17 -23.60
C GLN A 31 5.73 0.51 -24.49
N LYS A 32 4.56 0.06 -24.06
CA LYS A 32 3.31 0.40 -24.73
C LYS A 32 2.59 1.45 -23.90
N THR A 33 2.41 2.63 -24.48
CA THR A 33 1.82 3.75 -23.75
C THR A 33 0.31 3.59 -23.59
N VAL A 34 -0.17 3.89 -22.38
CA VAL A 34 -1.59 3.89 -22.08
C VAL A 34 -1.95 5.28 -21.57
N ASN A 35 -2.68 6.06 -22.37
CA ASN A 35 -2.96 7.43 -21.97
C ASN A 35 -4.17 7.54 -21.04
N LEU A 36 -3.89 7.63 -19.74
CA LEU A 36 -4.94 7.71 -18.72
C LEU A 36 -5.80 8.95 -18.92
N LEU A 37 -5.22 10.01 -19.45
CA LEU A 37 -5.92 11.28 -19.64
C LEU A 37 -7.06 11.16 -20.66
N THR A 38 -6.92 10.23 -21.59
CA THR A 38 -7.96 9.99 -22.58
C THR A 38 -8.65 8.65 -22.35
N LYS A 39 -8.46 8.12 -21.15
CA LYS A 39 -9.17 6.91 -20.69
C LYS A 39 -8.84 5.65 -21.48
N GLU A 40 -7.59 5.53 -21.93
CA GLU A 40 -7.17 4.34 -22.66
C GLU A 40 -7.04 3.13 -21.74
N HIS A 41 -7.08 3.37 -20.43
CA HIS A 41 -6.99 2.30 -19.44
C HIS A 41 -8.37 1.69 -19.13
N LEU A 42 -9.41 2.25 -19.75
CA LEU A 42 -10.78 1.81 -19.45
C LEU A 42 -11.39 1.01 -20.58
N THR A 43 -10.57 0.57 -21.52
CA THR A 43 -11.04 -0.28 -22.62
C THR A 43 -11.30 -1.69 -22.11
N PRO A 44 -12.13 -2.45 -22.83
CA PRO A 44 -12.40 -3.83 -22.39
C PRO A 44 -11.12 -4.67 -22.34
N GLU A 45 -10.23 -4.51 -23.33
CA GLU A 45 -9.02 -5.31 -23.37
C GLU A 45 -8.13 -5.02 -22.16
N PHE A 46 -8.03 -3.74 -21.79
CA PHE A 46 -7.20 -3.39 -20.64
C PHE A 46 -7.84 -3.86 -19.35
N MET A 47 -9.17 -3.76 -19.26
CA MET A 47 -9.89 -4.27 -18.09
C MET A 47 -9.68 -5.77 -17.96
N LYS A 48 -9.46 -6.43 -19.09
CA LYS A 48 -9.21 -7.87 -19.11
C LYS A 48 -7.88 -8.25 -18.46
N MET A 49 -6.83 -7.50 -18.78
CA MET A 49 -5.53 -7.72 -18.16
C MET A 49 -5.54 -7.28 -16.70
N ASN A 50 -6.22 -6.17 -16.43
CA ASN A 50 -6.24 -5.60 -15.09
C ASN A 50 -7.59 -4.97 -14.74
N PRO A 51 -8.41 -5.70 -13.99
CA PRO A 51 -9.75 -5.20 -13.62
C PRO A 51 -9.71 -3.92 -12.79
N GLN A 52 -8.56 -3.61 -12.20
CA GLN A 52 -8.43 -2.37 -11.43
C GLN A 52 -8.03 -1.19 -12.32
N HIS A 53 -7.89 -1.50 -13.62
CA HIS A 53 -7.55 -0.50 -14.64
C HIS A 53 -6.45 0.50 -14.24
N THR A 54 -5.30 -0.02 -13.84
CA THR A 54 -4.14 0.82 -13.57
C THR A 54 -2.92 0.35 -14.33
N VAL A 55 -2.01 1.28 -14.60
CA VAL A 55 -0.67 0.93 -15.04
C VAL A 55 0.27 1.06 -13.85
N PRO A 56 1.38 0.30 -13.84
CA PRO A 56 1.84 -0.58 -14.93
C PRO A 56 1.25 -1.99 -14.93
N VAL A 57 1.28 -2.60 -16.11
CA VAL A 57 1.02 -4.02 -16.29
C VAL A 57 2.14 -4.60 -17.15
N LEU A 58 2.70 -5.73 -16.72
CA LEU A 58 3.74 -6.43 -17.47
C LEU A 58 3.16 -7.61 -18.22
N ASP A 59 3.58 -7.76 -19.48
CA ASP A 59 3.28 -8.96 -20.24
C ASP A 59 4.60 -9.63 -20.58
N ASP A 60 4.85 -10.76 -19.91
CA ASP A 60 6.09 -11.51 -20.10
C ASP A 60 5.79 -12.78 -20.88
N ASN A 61 5.93 -12.68 -22.20
CA ASN A 61 5.59 -13.77 -23.11
C ASN A 61 4.23 -14.38 -22.76
N GLY A 62 3.24 -13.52 -22.52
CA GLY A 62 1.90 -13.98 -22.27
C GLY A 62 1.53 -14.09 -20.80
N THR A 63 2.52 -14.02 -19.93
CA THR A 63 2.27 -14.03 -18.49
C THR A 63 2.02 -12.61 -18.05
N ILE A 64 0.79 -12.33 -17.60
CA ILE A 64 0.39 -10.97 -17.26
C ILE A 64 0.58 -10.73 -15.77
N VAL A 65 1.33 -9.68 -15.44
CA VAL A 65 1.61 -9.36 -14.05
C VAL A 65 1.24 -7.90 -13.81
N CYS A 66 0.28 -7.68 -12.91
CA CYS A 66 -0.14 -6.34 -12.57
C CYS A 66 0.55 -5.83 -11.32
N GLU A 67 0.67 -4.50 -11.22
CA GLU A 67 1.02 -3.80 -9.98
C GLU A 67 2.53 -3.67 -9.83
N SER A 68 3.02 -2.44 -9.67
CA SER A 68 4.46 -2.18 -9.73
C SER A 68 5.30 -2.99 -8.75
N HIS A 69 4.85 -3.10 -7.51
CA HIS A 69 5.63 -3.84 -6.51
C HIS A 69 5.66 -5.33 -6.87
N ALA A 70 4.52 -5.87 -7.26
CA ALA A 70 4.46 -7.28 -7.67
C ALA A 70 5.32 -7.52 -8.91
N ILE A 71 5.26 -6.60 -9.87
CA ILE A 71 6.08 -6.69 -11.07
C ILE A 71 7.58 -6.71 -10.74
N MET A 72 8.02 -5.81 -9.86
CA MET A 72 9.44 -5.76 -9.51
C MET A 72 9.90 -7.05 -8.83
N ILE A 73 9.10 -7.56 -7.90
CA ILE A 73 9.43 -8.81 -7.23
C ILE A 73 9.49 -9.97 -8.24
N TYR A 74 8.52 -10.00 -9.15
CA TYR A 74 8.51 -11.00 -10.22
C TYR A 74 9.78 -10.93 -11.07
N LEU A 75 10.16 -9.72 -11.49
CA LEU A 75 11.32 -9.57 -12.37
C LEU A 75 12.62 -9.96 -11.68
N VAL A 76 12.79 -9.55 -10.42
CA VAL A 76 13.99 -9.92 -9.69
C VAL A 76 14.04 -11.42 -9.47
N SER A 77 12.90 -12.00 -9.12
CA SER A 77 12.81 -13.43 -8.83
C SER A 77 13.19 -14.27 -10.04
N LYS A 78 12.69 -13.85 -11.21
CA LYS A 78 12.88 -14.62 -12.43
C LYS A 78 14.19 -14.30 -13.15
N TYR A 79 14.61 -13.04 -13.11
CA TYR A 79 15.73 -12.58 -13.94
C TYR A 79 16.98 -12.11 -13.20
N GLY A 80 16.90 -11.92 -11.89
CA GLY A 80 18.06 -11.47 -11.13
C GLY A 80 19.22 -12.47 -11.17
N LYS A 81 20.44 -11.97 -11.27
CA LYS A 81 21.63 -12.81 -11.20
C LYS A 81 21.84 -13.33 -9.79
N ASP A 82 21.34 -12.57 -8.84
CA ASP A 82 21.24 -13.00 -7.44
C ASP A 82 20.08 -12.23 -6.82
N ASP A 83 19.89 -12.36 -5.51
CA ASP A 83 18.74 -11.74 -4.85
C ASP A 83 19.05 -10.36 -4.25
N SER A 84 20.09 -9.70 -4.72
CA SER A 84 20.48 -8.40 -4.18
C SER A 84 19.32 -7.41 -4.11
N LEU A 85 18.54 -7.34 -5.18
CA LEU A 85 17.48 -6.34 -5.25
C LEU A 85 16.22 -6.70 -4.45
N TYR A 86 16.07 -7.97 -4.11
CA TYR A 86 14.92 -8.41 -3.32
C TYR A 86 15.24 -9.76 -2.70
N SER A 87 15.58 -9.73 -1.42
CA SER A 87 16.05 -10.92 -0.72
C SER A 87 14.99 -12.00 -0.62
N LYS A 88 15.40 -13.26 -0.68
CA LYS A 88 14.53 -14.40 -0.40
C LYS A 88 14.62 -14.80 1.07
N GLU A 89 15.55 -14.19 1.79
CA GLU A 89 15.76 -14.52 3.19
C GLU A 89 14.64 -13.90 4.04
N LEU A 90 14.15 -14.68 4.99
CA LEU A 90 12.96 -14.34 5.77
C LEU A 90 12.95 -12.92 6.34
N VAL A 91 14.00 -12.57 7.08
CA VAL A 91 14.01 -11.31 7.82
C VAL A 91 14.21 -10.10 6.90
N LYS A 92 15.21 -10.17 6.01
CA LYS A 92 15.38 -9.05 5.10
C LYS A 92 14.19 -8.89 4.17
N GLN A 93 13.64 -10.00 3.69
CA GLN A 93 12.43 -9.89 2.86
C GLN A 93 11.30 -9.17 3.60
N ALA A 94 11.11 -9.46 4.88
CA ALA A 94 10.08 -8.79 5.65
C ALA A 94 10.34 -7.29 5.76
N LYS A 95 11.60 -6.89 5.91
CA LYS A 95 11.92 -5.46 5.95
C LYS A 95 11.60 -4.82 4.60
N LEU A 96 11.90 -5.53 3.52
CA LEU A 96 11.61 -5.04 2.18
C LEU A 96 10.11 -4.92 1.94
N ASN A 97 9.36 -5.95 2.33
CA ASN A 97 7.91 -5.93 2.17
C ASN A 97 7.28 -4.80 2.97
N ALA A 98 7.76 -4.57 4.18
CA ALA A 98 7.26 -3.46 4.98
C ALA A 98 7.48 -2.12 4.26
N ALA A 99 8.66 -1.95 3.68
CA ALA A 99 8.99 -0.72 2.95
C ALA A 99 8.16 -0.56 1.70
N LEU A 100 7.94 -1.65 0.96
CA LEU A 100 7.13 -1.57 -0.25
C LEU A 100 5.70 -1.17 0.07
N HIS A 101 5.16 -1.71 1.16
CA HIS A 101 3.80 -1.35 1.59
C HIS A 101 3.70 0.05 2.18
N PHE A 102 4.79 0.53 2.76
CA PHE A 102 4.87 1.94 3.14
C PHE A 102 4.76 2.80 1.88
N GLU A 103 5.44 2.41 0.81
CA GLU A 103 5.36 3.17 -0.44
C GLU A 103 3.93 3.20 -0.99
N SER A 104 3.28 2.05 -1.08
CA SER A 104 1.95 2.03 -1.65
C SER A 104 0.93 2.71 -0.73
N GLY A 105 1.03 2.44 0.57
CA GLY A 105 0.03 2.88 1.52
C GLY A 105 0.20 4.31 2.02
N VAL A 106 1.42 4.84 1.93
CA VAL A 106 1.70 6.18 2.43
C VAL A 106 2.20 7.11 1.33
N LEU A 107 3.37 6.82 0.76
CA LEU A 107 3.98 7.73 -0.22
C LEU A 107 3.10 7.92 -1.47
N PHE A 108 2.80 6.83 -2.17
CA PHE A 108 2.01 6.95 -3.38
C PHE A 108 0.57 7.36 -3.12
N ALA A 109 -0.03 6.77 -2.07
CA ALA A 109 -1.41 7.10 -1.75
C ALA A 109 -1.59 8.60 -1.52
N ARG A 110 -0.65 9.21 -0.79
CA ARG A 110 -0.76 10.62 -0.48
C ARG A 110 -0.41 11.52 -1.66
N LEU A 111 0.55 11.07 -2.46
CA LEU A 111 0.83 11.73 -3.74
C LEU A 111 -0.44 11.79 -4.59
N ARG A 112 -1.13 10.65 -4.70
CA ARG A 112 -2.34 10.58 -5.51
C ARG A 112 -3.47 11.45 -4.94
N PHE A 113 -3.60 11.50 -3.62
N PHE A 113 -3.57 11.51 -3.63
CA PHE A 113 -4.62 12.34 -2.99
CA PHE A 113 -4.59 12.32 -2.97
C PHE A 113 -4.44 13.80 -3.41
C PHE A 113 -4.42 13.82 -3.30
N VAL A 114 -3.20 14.23 -3.60
CA VAL A 114 -2.92 15.61 -4.02
C VAL A 114 -3.10 15.79 -5.53
N CYS A 115 -2.57 14.85 -6.31
CA CYS A 115 -2.44 15.06 -7.74
C CYS A 115 -3.67 14.66 -8.55
N GLU A 116 -4.35 13.60 -8.15
CA GLU A 116 -5.45 13.07 -8.95
C GLU A 116 -6.58 14.08 -9.16
N PRO A 117 -6.97 14.80 -8.10
CA PRO A 117 -8.09 15.76 -8.26
C PRO A 117 -7.75 16.83 -9.29
N ILE A 118 -6.47 17.21 -9.36
CA ILE A 118 -6.03 18.23 -10.31
C ILE A 118 -5.97 17.65 -11.72
N LEU A 119 -5.42 16.46 -11.87
CA LEU A 119 -5.23 15.88 -13.19
C LEU A 119 -6.53 15.33 -13.81
N PHE A 120 -7.42 14.80 -12.98
CA PHE A 120 -8.58 14.07 -13.49
C PHE A 120 -9.94 14.70 -13.16
N ALA A 121 -9.96 15.63 -12.21
CA ALA A 121 -11.24 16.16 -11.70
C ALA A 121 -11.35 17.69 -11.76
N GLY A 122 -10.50 18.31 -12.58
CA GLY A 122 -10.58 19.74 -12.81
C GLY A 122 -10.23 20.60 -11.61
N GLY A 123 -9.54 20.00 -10.64
CA GLY A 123 -9.15 20.70 -9.44
C GLY A 123 -8.13 21.78 -9.69
N SER A 124 -8.25 22.88 -8.96
CA SER A 124 -7.35 24.02 -9.13
C SER A 124 -6.69 24.36 -7.81
N GLU A 125 -6.87 23.49 -6.82
CA GLU A 125 -6.32 23.74 -5.49
C GLU A 125 -5.69 22.50 -4.86
N ILE A 126 -4.71 22.75 -4.00
CA ILE A 126 -4.17 21.72 -3.13
C ILE A 126 -4.55 22.08 -1.70
N PRO A 127 -5.53 21.36 -1.13
CA PRO A 127 -5.99 21.67 0.22
C PRO A 127 -4.85 21.59 1.23
N ALA A 128 -4.84 22.48 2.21
CA ALA A 128 -3.78 22.51 3.21
C ALA A 128 -3.57 21.16 3.87
N ASP A 129 -4.66 20.48 4.19
CA ASP A 129 -4.52 19.22 4.92
C ASP A 129 -3.86 18.13 4.11
N ARG A 130 -4.08 18.13 2.79
CA ARG A 130 -3.44 17.14 1.93
C ARG A 130 -1.96 17.41 1.73
N ALA A 131 -1.58 18.68 1.65
CA ALA A 131 -0.17 19.04 1.61
C ALA A 131 0.51 18.62 2.91
N GLU A 132 -0.16 18.84 4.03
CA GLU A 132 0.38 18.46 5.33
C GLU A 132 0.53 16.94 5.44
N TYR A 133 -0.41 16.21 4.86
CA TYR A 133 -0.35 14.77 4.82
C TYR A 133 0.95 14.31 4.13
N VAL A 134 1.30 14.98 3.04
CA VAL A 134 2.57 14.69 2.36
C VAL A 134 3.79 15.08 3.22
N GLN A 135 3.73 16.23 3.88
CA GLN A 135 4.82 16.62 4.78
C GLN A 135 5.05 15.56 5.84
N LYS A 136 3.96 14.98 6.35
CA LYS A 136 4.07 13.92 7.36
C LYS A 136 4.71 12.67 6.76
N ALA A 137 4.41 12.41 5.50
CA ALA A 137 5.02 11.30 4.79
C ALA A 137 6.53 11.51 4.65
N TYR A 138 6.95 12.73 4.34
CA TYR A 138 8.37 13.04 4.28
C TYR A 138 9.05 12.71 5.61
N GLN A 139 8.43 13.09 6.71
CA GLN A 139 9.01 12.83 8.01
C GLN A 139 9.10 11.32 8.29
N LEU A 140 8.04 10.59 7.93
CA LEU A 140 8.04 9.14 8.08
C LEU A 140 9.19 8.51 7.29
N LEU A 141 9.43 9.02 6.08
CA LEU A 141 10.51 8.53 5.25
C LEU A 141 11.88 8.87 5.85
N GLU A 142 12.02 10.10 6.32
CA GLU A 142 13.26 10.54 6.96
C GLU A 142 13.61 9.60 8.11
N ASP A 143 12.61 9.21 8.90
CA ASP A 143 12.85 8.36 10.07
C ASP A 143 13.13 6.92 9.67
N THR A 144 12.60 6.52 8.53
CA THR A 144 12.80 5.19 7.98
C THR A 144 14.25 4.99 7.51
N LEU A 145 14.86 6.07 7.06
CA LEU A 145 16.23 6.05 6.56
C LEU A 145 17.24 6.01 7.72
N VAL A 146 17.40 4.84 8.32
CA VAL A 146 18.38 4.65 9.38
C VAL A 146 19.70 4.17 8.81
N ASP A 147 19.67 3.76 7.55
CA ASP A 147 20.87 3.34 6.82
C ASP A 147 20.95 4.10 5.50
N ASP A 148 21.90 3.74 4.64
CA ASP A 148 22.12 4.49 3.39
C ASP A 148 20.94 4.35 2.42
N TYR A 149 20.26 3.22 2.48
CA TYR A 149 19.11 2.98 1.62
C TYR A 149 17.86 2.71 2.44
N ILE A 150 16.72 2.57 1.77
CA ILE A 150 15.45 2.38 2.48
C ILE A 150 15.53 1.18 3.40
N VAL A 151 16.13 0.10 2.90
CA VAL A 151 16.41 -1.08 3.72
C VAL A 151 17.89 -1.41 3.58
N GLY A 152 18.63 -1.27 4.68
CA GLY A 152 20.02 -1.66 4.67
C GLY A 152 20.95 -0.73 3.93
N ASN A 153 22.14 -1.22 3.59
CA ASN A 153 23.17 -0.37 3.02
C ASN A 153 23.49 -0.63 1.56
N SER A 154 22.58 -1.34 0.88
CA SER A 154 22.69 -1.52 -0.56
C SER A 154 21.34 -1.33 -1.25
N LEU A 155 21.40 -1.01 -2.54
CA LEU A 155 20.25 -0.73 -3.37
C LEU A 155 19.30 -1.93 -3.46
N THR A 156 18.00 -1.67 -3.31
CA THR A 156 16.98 -2.70 -3.49
C THR A 156 15.78 -2.11 -4.19
N ILE A 157 14.81 -2.97 -4.53
CA ILE A 157 13.61 -2.47 -5.17
C ILE A 157 12.80 -1.52 -4.27
N ALA A 158 12.99 -1.59 -2.96
CA ALA A 158 12.34 -0.61 -2.09
C ALA A 158 12.80 0.82 -2.41
N ASP A 159 14.06 0.97 -2.80
CA ASP A 159 14.57 2.28 -3.22
C ASP A 159 13.90 2.75 -4.50
N PHE A 160 13.71 1.85 -5.46
CA PHE A 160 13.09 2.23 -6.72
C PHE A 160 11.66 2.70 -6.51
N SER A 161 10.93 1.94 -5.69
CA SER A 161 9.55 2.25 -5.39
C SER A 161 9.46 3.62 -4.71
N CYS A 162 10.20 3.78 -3.62
CA CYS A 162 10.14 5.04 -2.87
C CYS A 162 10.62 6.24 -3.69
N VAL A 163 11.70 6.09 -4.43
CA VAL A 163 12.23 7.25 -5.15
C VAL A 163 11.29 7.68 -6.28
N SER A 164 10.62 6.72 -6.91
CA SER A 164 9.71 7.05 -8.01
C SER A 164 8.61 8.00 -7.56
N SER A 165 8.08 7.80 -6.36
CA SER A 165 7.05 8.68 -5.85
C SER A 165 7.61 9.95 -5.18
N VAL A 166 8.66 9.81 -4.39
CA VAL A 166 9.25 10.97 -3.73
C VAL A 166 9.75 12.00 -4.74
N SER A 167 10.47 11.54 -5.76
CA SER A 167 11.01 12.45 -6.77
C SER A 167 9.91 13.21 -7.50
N SER A 168 8.72 12.62 -7.55
CA SER A 168 7.58 13.24 -8.22
C SER A 168 6.92 14.28 -7.35
N ILE A 169 6.54 13.89 -6.14
CA ILE A 169 5.75 14.78 -5.30
C ILE A 169 6.56 15.97 -4.78
N MET A 170 7.88 15.81 -4.64
CA MET A 170 8.71 16.92 -4.19
C MET A 170 8.73 18.09 -5.16
N GLY A 171 8.32 17.84 -6.40
CA GLY A 171 8.18 18.92 -7.37
C GLY A 171 6.85 19.66 -7.27
N VAL A 172 5.97 19.18 -6.39
CA VAL A 172 4.65 19.79 -6.19
C VAL A 172 4.51 20.32 -4.76
N ILE A 173 4.89 19.49 -3.79
CA ILE A 173 4.88 19.84 -2.38
C ILE A 173 6.32 20.00 -1.92
N PRO A 174 6.75 21.24 -1.61
CA PRO A 174 8.15 21.48 -1.28
C PRO A 174 8.67 20.59 -0.14
N MET A 175 9.85 20.03 -0.36
CA MET A 175 10.48 19.12 0.60
C MET A 175 11.73 19.83 1.14
N ASP A 176 11.60 20.40 2.34
CA ASP A 176 12.63 21.27 2.91
C ASP A 176 13.93 20.51 3.20
N LYS A 177 15.03 20.93 2.57
CA LYS A 177 16.28 20.20 2.72
C LYS A 177 16.83 20.33 4.14
N GLU A 178 16.40 21.37 4.85
CA GLU A 178 16.82 21.55 6.22
C GLU A 178 16.12 20.61 7.19
N LYS A 179 14.91 20.20 6.83
CA LYS A 179 14.14 19.28 7.67
C LYS A 179 14.44 17.82 7.32
N PHE A 180 14.84 17.58 6.07
CA PHE A 180 14.96 16.19 5.59
C PHE A 180 16.31 15.91 4.93
N PRO A 181 17.40 16.09 5.68
CA PRO A 181 18.74 15.88 5.13
C PRO A 181 18.99 14.45 4.66
N LYS A 182 18.43 13.48 5.39
CA LYS A 182 18.65 12.08 5.02
C LYS A 182 17.96 11.72 3.70
N ILE A 183 16.76 12.24 3.48
CA ILE A 183 16.11 12.03 2.19
C ILE A 183 16.98 12.56 1.06
N TYR A 184 17.53 13.77 1.20
CA TYR A 184 18.39 14.31 0.16
C TYR A 184 19.67 13.52 -0.06
N GLY A 185 20.27 13.02 1.03
CA GLY A 185 21.46 12.19 0.90
C GLY A 185 21.18 10.93 0.12
N TRP A 186 20.01 10.35 0.39
CA TRP A 186 19.58 9.12 -0.26
C TRP A 186 19.23 9.37 -1.73
N LEU A 187 18.53 10.48 -2.00
CA LEU A 187 18.25 10.87 -3.38
C LEU A 187 19.54 10.95 -4.20
N ASP A 188 20.60 11.48 -3.60
CA ASP A 188 21.86 11.60 -4.31
C ASP A 188 22.43 10.24 -4.69
N ARG A 189 22.23 9.25 -3.82
CA ARG A 189 22.69 7.90 -4.12
C ARG A 189 21.96 7.35 -5.33
N LEU A 190 20.65 7.59 -5.41
CA LEU A 190 19.86 7.12 -6.54
C LEU A 190 20.21 7.89 -7.81
N LYS A 191 20.40 9.20 -7.69
CA LYS A 191 20.71 10.04 -8.83
C LYS A 191 22.06 9.71 -9.46
N ALA A 192 22.93 9.07 -8.69
CA ALA A 192 24.25 8.67 -9.17
C ALA A 192 24.20 7.45 -10.08
N LEU A 193 23.06 6.77 -10.13
CA LEU A 193 22.90 5.64 -11.03
C LEU A 193 22.85 6.15 -12.46
N PRO A 194 23.59 5.50 -13.37
CA PRO A 194 23.71 5.99 -14.74
C PRO A 194 22.38 6.02 -15.47
N TYR A 195 21.44 5.18 -15.05
CA TYR A 195 20.13 5.09 -15.72
C TYR A 195 19.03 5.89 -15.01
N TYR A 196 19.40 6.60 -13.94
CA TYR A 196 18.38 7.28 -13.13
C TYR A 196 17.56 8.32 -13.90
N GLU A 197 18.23 9.19 -14.63
CA GLU A 197 17.54 10.30 -15.29
C GLU A 197 16.61 9.80 -16.39
N ALA A 198 17.08 8.85 -17.18
CA ALA A 198 16.26 8.32 -18.27
C ALA A 198 15.05 7.55 -17.75
N ALA A 199 15.28 6.70 -16.75
CA ALA A 199 14.24 5.81 -16.24
C ALA A 199 13.29 6.48 -15.27
N ASN A 200 13.80 7.44 -14.50
CA ASN A 200 12.97 8.08 -13.48
C ASN A 200 12.98 9.60 -13.41
N GLY A 201 14.17 10.19 -13.34
CA GLY A 201 14.29 11.62 -13.13
C GLY A 201 13.48 12.44 -14.13
N SER A 202 13.58 12.08 -15.40
CA SER A 202 12.86 12.82 -16.43
C SER A 202 11.34 12.80 -16.22
N GLY A 203 10.80 11.62 -15.95
CA GLY A 203 9.36 11.47 -15.74
C GLY A 203 8.87 12.14 -14.47
N ALA A 204 9.73 12.18 -13.45
CA ALA A 204 9.38 12.82 -12.19
C ALA A 204 9.24 14.33 -12.41
N GLU A 205 10.14 14.89 -13.21
CA GLU A 205 10.09 16.31 -13.53
C GLU A 205 8.87 16.59 -14.39
N GLN A 206 8.61 15.71 -15.35
CA GLN A 206 7.48 15.89 -16.25
C GLN A 206 6.15 15.88 -15.50
N VAL A 207 6.00 14.96 -14.56
CA VAL A 207 4.71 14.84 -13.89
C VAL A 207 4.45 16.03 -12.96
N ALA A 208 5.50 16.53 -12.31
CA ALA A 208 5.34 17.70 -11.45
C ALA A 208 4.93 18.91 -12.29
N GLN A 209 5.58 19.08 -13.44
CA GLN A 209 5.24 20.18 -14.34
C GLN A 209 3.80 20.05 -14.83
N PHE A 210 3.39 18.82 -15.13
CA PHE A 210 2.05 18.51 -15.59
C PHE A 210 1.01 18.93 -14.54
N VAL A 211 1.24 18.54 -13.28
CA VAL A 211 0.33 18.87 -12.20
C VAL A 211 0.21 20.38 -12.00
N LEU A 212 1.36 21.06 -11.94
CA LEU A 212 1.35 22.50 -11.74
C LEU A 212 0.71 23.24 -12.92
N SER A 213 0.96 22.76 -14.13
CA SER A 213 0.36 23.34 -15.34
C SER A 213 -1.15 23.17 -15.38
N GLN A 214 -1.61 21.97 -15.04
CA GLN A 214 -3.03 21.67 -15.08
C GLN A 214 -3.75 22.42 -13.97
N LYS A 215 -3.09 22.57 -12.82
CA LYS A 215 -3.65 23.31 -11.71
C LYS A 215 -3.96 24.74 -12.14
N GLU A 216 -3.04 25.36 -12.85
CA GLU A 216 -3.25 26.73 -13.27
C GLU A 216 -4.29 26.83 -14.39
N LYS A 217 -4.27 25.90 -15.33
CA LYS A 217 -5.29 25.87 -16.39
C LYS A 217 -6.69 25.73 -15.78
N ASN A 218 -6.83 24.82 -14.83
CA ASN A 218 -8.11 24.58 -14.17
C ASN A 218 -8.62 25.79 -13.41
N ALA A 219 -7.71 26.63 -12.95
CA ALA A 219 -8.08 27.81 -12.17
C ALA A 219 -8.75 28.86 -13.06
N GLN A 220 -8.57 28.73 -14.36
CA GLN A 220 -9.09 29.70 -15.31
C GLN A 220 -10.47 29.32 -15.83
N MET B 1 10.07 -22.60 24.49
CA MET B 1 10.00 -21.82 23.26
C MET B 1 9.43 -20.42 23.54
N THR B 2 10.04 -19.42 22.93
CA THR B 2 9.58 -18.04 23.10
C THR B 2 8.29 -17.81 22.33
N LYS B 3 7.24 -17.38 23.01
CA LYS B 3 5.96 -17.15 22.34
C LYS B 3 5.98 -15.85 21.54
N LEU B 4 5.26 -15.85 20.43
CA LEU B 4 5.15 -14.68 19.56
C LEU B 4 4.44 -13.53 20.25
N ILE B 5 4.97 -12.33 20.09
CA ILE B 5 4.36 -11.13 20.65
C ILE B 5 3.86 -10.23 19.54
N LEU B 6 2.62 -9.77 19.66
CA LEU B 6 2.10 -8.80 18.71
C LEU B 6 1.75 -7.49 19.42
N TYR B 7 2.43 -6.43 19.03
CA TYR B 7 2.07 -5.08 19.47
C TYR B 7 0.90 -4.63 18.60
N THR B 8 -0.22 -4.32 19.24
CA THR B 8 -1.48 -4.37 18.52
C THR B 8 -2.58 -3.54 19.15
N LEU B 9 -3.65 -3.33 18.39
CA LEU B 9 -4.87 -2.74 18.89
C LEU B 9 -6.00 -3.45 18.13
N HIS B 10 -6.92 -4.08 18.84
CA HIS B 10 -7.93 -4.92 18.20
C HIS B 10 -8.86 -4.14 17.25
N VAL B 11 -9.06 -2.84 17.51
CA VAL B 11 -9.88 -2.06 16.60
C VAL B 11 -9.15 -1.73 15.28
N SER B 12 -7.84 -1.94 15.24
CA SER B 12 -7.05 -1.64 14.05
C SER B 12 -7.22 -2.69 12.95
N PRO B 13 -7.61 -2.27 11.73
CA PRO B 13 -7.76 -3.26 10.66
C PRO B 13 -6.50 -4.09 10.39
N PRO B 14 -5.33 -3.45 10.18
CA PRO B 14 -4.14 -4.26 9.87
C PRO B 14 -3.75 -5.23 10.99
N CYS B 15 -4.03 -4.86 12.23
CA CYS B 15 -3.79 -5.78 13.33
C CYS B 15 -4.70 -7.01 13.23
N ARG B 16 -5.96 -6.79 12.88
CA ARG B 16 -6.91 -7.89 12.72
C ARG B 16 -6.56 -8.80 11.53
N ALA B 17 -5.97 -8.24 10.48
CA ALA B 17 -5.48 -9.09 9.40
C ALA B 17 -4.47 -10.10 9.96
N VAL B 18 -3.54 -9.63 10.79
CA VAL B 18 -2.56 -10.53 11.38
C VAL B 18 -3.22 -11.53 12.33
N GLU B 19 -4.20 -11.09 13.11
CA GLU B 19 -4.91 -12.01 14.00
C GLU B 19 -5.55 -13.15 13.22
N LEU B 20 -6.21 -12.82 12.11
CA LEU B 20 -6.83 -13.83 11.25
C LEU B 20 -5.76 -14.81 10.75
N CYS B 21 -4.65 -14.27 10.27
CA CYS B 21 -3.58 -15.09 9.73
C CYS B 21 -3.02 -16.03 10.81
N ALA B 22 -2.80 -15.51 12.01
CA ALA B 22 -2.30 -16.34 13.10
C ALA B 22 -3.24 -17.49 13.44
N LYS B 23 -4.54 -17.21 13.45
CA LYS B 23 -5.53 -18.26 13.71
C LYS B 23 -5.50 -19.32 12.60
N ALA B 24 -5.41 -18.88 11.35
CA ALA B 24 -5.36 -19.81 10.22
C ALA B 24 -4.14 -20.73 10.33
N LEU B 25 -3.04 -20.20 10.87
CA LEU B 25 -1.78 -20.93 10.99
C LEU B 25 -1.66 -21.73 12.27
N GLY B 26 -2.64 -21.61 13.17
CA GLY B 26 -2.60 -22.31 14.44
C GLY B 26 -1.60 -21.75 15.43
N LEU B 27 -1.32 -20.45 15.32
CA LEU B 27 -0.35 -19.78 16.19
C LEU B 27 -1.08 -19.05 17.30
N GLU B 28 -0.45 -19.00 18.46
CA GLU B 28 -0.97 -18.23 19.58
C GLU B 28 -0.13 -16.97 19.78
N LEU B 29 -0.76 -15.82 19.69
CA LEU B 29 -0.08 -14.55 19.88
C LEU B 29 -0.24 -14.05 21.31
N GLU B 30 0.85 -13.54 21.88
CA GLU B 30 0.77 -12.74 23.09
C GLU B 30 0.54 -11.30 22.67
N GLN B 31 -0.68 -10.80 22.89
CA GLN B 31 -1.03 -9.46 22.46
C GLN B 31 -0.66 -8.42 23.49
N LYS B 32 0.10 -7.41 23.06
CA LYS B 32 0.42 -6.25 23.90
C LYS B 32 -0.28 -5.06 23.29
N THR B 33 -1.27 -4.53 24.00
CA THR B 33 -2.06 -3.42 23.47
C THR B 33 -1.25 -2.14 23.44
N VAL B 34 -1.44 -1.38 22.38
CA VAL B 34 -0.75 -0.10 22.21
C VAL B 34 -1.80 0.98 22.04
N ASN B 35 -1.90 1.85 23.06
CA ASN B 35 -2.88 2.92 23.08
C ASN B 35 -2.37 4.14 22.30
N LEU B 36 -2.94 4.37 21.13
CA LEU B 36 -2.50 5.48 20.29
C LEU B 36 -2.87 6.84 20.90
N LEU B 37 -3.99 6.88 21.63
CA LEU B 37 -4.46 8.14 22.21
C LEU B 37 -3.50 8.68 23.27
N THR B 38 -2.81 7.77 23.97
CA THR B 38 -1.83 8.19 24.96
C THR B 38 -0.40 8.07 24.43
N LYS B 39 -0.27 7.91 23.12
CA LYS B 39 1.02 7.99 22.45
C LYS B 39 1.98 6.85 22.81
N GLU B 40 1.41 5.69 23.10
CA GLU B 40 2.24 4.51 23.38
C GLU B 40 3.05 4.08 22.15
N HIS B 41 2.62 4.51 20.98
CA HIS B 41 3.34 4.21 19.75
C HIS B 41 4.46 5.22 19.48
N LEU B 42 4.59 6.22 20.35
CA LEU B 42 5.55 7.31 20.14
C LEU B 42 6.58 7.38 21.27
N THR B 43 6.72 6.27 22.00
CA THR B 43 7.82 6.15 22.97
C THR B 43 9.11 5.88 22.22
N PRO B 44 10.25 6.20 22.85
CA PRO B 44 11.52 5.89 22.19
C PRO B 44 11.66 4.39 21.86
N GLU B 45 11.19 3.53 22.76
CA GLU B 45 11.30 2.09 22.51
C GLU B 45 10.45 1.65 21.33
N PHE B 46 9.23 2.17 21.23
CA PHE B 46 8.39 1.78 20.11
C PHE B 46 8.95 2.30 18.79
N MET B 47 9.41 3.54 18.78
CA MET B 47 9.97 4.14 17.58
C MET B 47 11.24 3.43 17.13
N LYS B 48 11.95 2.83 18.09
CA LYS B 48 13.12 2.01 17.76
C LYS B 48 12.71 0.74 17.03
N MET B 49 11.64 0.10 17.52
CA MET B 49 11.08 -1.06 16.82
C MET B 49 10.58 -0.68 15.45
N ASN B 50 9.86 0.44 15.37
CA ASN B 50 9.22 0.86 14.14
C ASN B 50 9.25 2.37 13.97
N PRO B 51 10.20 2.87 13.16
CA PRO B 51 10.33 4.32 12.95
C PRO B 51 9.07 4.98 12.40
N GLN B 52 8.20 4.19 11.76
CA GLN B 52 6.97 4.74 11.22
C GLN B 52 5.86 4.76 12.27
N HIS B 53 6.18 4.20 13.43
CA HIS B 53 5.29 4.23 14.61
C HIS B 53 3.84 3.81 14.35
N THR B 54 3.71 2.64 13.73
CA THR B 54 2.40 2.05 13.54
C THR B 54 2.32 0.65 14.16
N VAL B 55 1.09 0.23 14.46
CA VAL B 55 0.80 -1.17 14.74
C VAL B 55 0.12 -1.76 13.50
N PRO B 56 0.28 -3.07 13.27
CA PRO B 56 0.95 -4.05 14.15
C PRO B 56 2.47 -4.12 13.98
N VAL B 57 3.10 -4.59 15.05
CA VAL B 57 4.50 -4.99 15.03
C VAL B 57 4.62 -6.35 15.71
N LEU B 58 5.31 -7.28 15.07
CA LEU B 58 5.55 -8.60 15.63
C LEU B 58 6.93 -8.69 16.24
N ASP B 59 7.02 -9.30 17.42
CA ASP B 59 8.31 -9.66 18.00
C ASP B 59 8.35 -11.18 18.08
N ASP B 60 9.17 -11.77 17.22
CA ASP B 60 9.34 -13.21 17.20
C ASP B 60 10.72 -13.59 17.72
N ASN B 61 10.76 -13.96 19.00
CA ASN B 61 12.02 -14.37 19.62
C ASN B 61 13.13 -13.32 19.42
N GLY B 62 12.75 -12.05 19.51
CA GLY B 62 13.72 -10.97 19.37
C GLY B 62 13.75 -10.33 17.99
N THR B 63 13.29 -11.06 16.98
CA THR B 63 13.23 -10.51 15.63
C THR B 63 11.99 -9.63 15.47
N ILE B 64 12.22 -8.36 15.16
CA ILE B 64 11.13 -7.41 15.01
C ILE B 64 10.67 -7.35 13.55
N VAL B 65 9.38 -7.61 13.33
CA VAL B 65 8.79 -7.56 12.00
C VAL B 65 7.64 -6.57 11.99
N CYS B 66 7.77 -5.52 11.19
CA CYS B 66 6.75 -4.48 11.08
C CYS B 66 5.85 -4.69 9.88
N GLU B 67 4.63 -4.17 9.98
CA GLU B 67 3.73 -4.00 8.84
C GLU B 67 2.91 -5.26 8.58
N SER B 68 1.59 -5.11 8.54
CA SER B 68 0.69 -6.28 8.54
C SER B 68 0.94 -7.25 7.37
N HIS B 69 1.13 -6.72 6.18
CA HIS B 69 1.33 -7.57 5.02
C HIS B 69 2.66 -8.33 5.14
N ALA B 70 3.70 -7.62 5.57
CA ALA B 70 5.01 -8.24 5.77
C ALA B 70 4.96 -9.28 6.88
N ILE B 71 4.22 -8.96 7.94
CA ILE B 71 4.08 -9.90 9.05
C ILE B 71 3.38 -11.19 8.59
N MET B 72 2.30 -11.06 7.83
CA MET B 72 1.59 -12.23 7.35
C MET B 72 2.46 -13.11 6.43
N ILE B 73 3.19 -12.48 5.51
CA ILE B 73 4.10 -13.23 4.65
C ILE B 73 5.16 -13.93 5.49
N TYR B 74 5.73 -13.20 6.45
CA TYR B 74 6.73 -13.76 7.35
C TYR B 74 6.19 -14.99 8.09
N LEU B 75 5.00 -14.87 8.66
CA LEU B 75 4.41 -15.97 9.44
C LEU B 75 4.09 -17.19 8.59
N VAL B 76 3.52 -16.98 7.41
CA VAL B 76 3.23 -18.10 6.51
C VAL B 76 4.55 -18.76 6.07
N SER B 77 5.52 -17.94 5.72
CA SER B 77 6.81 -18.44 5.25
C SER B 77 7.52 -19.27 6.34
N LYS B 78 7.49 -18.77 7.57
CA LYS B 78 8.23 -19.44 8.65
C LYS B 78 7.47 -20.61 9.26
N TYR B 79 6.16 -20.45 9.44
CA TYR B 79 5.38 -21.40 10.24
C TYR B 79 4.34 -22.21 9.47
N GLY B 80 4.05 -21.81 8.24
CA GLY B 80 3.08 -22.54 7.43
C GLY B 80 3.51 -23.96 7.17
N LYS B 81 2.54 -24.88 7.21
CA LYS B 81 2.83 -26.29 6.94
C LYS B 81 2.77 -26.55 5.43
N ASP B 82 2.25 -25.58 4.70
CA ASP B 82 2.27 -25.59 3.24
C ASP B 82 2.18 -24.12 2.81
N ASP B 83 2.19 -23.86 1.51
CA ASP B 83 2.14 -22.48 1.04
C ASP B 83 0.75 -22.06 0.57
N SER B 84 -0.29 -22.74 1.06
CA SER B 84 -1.66 -22.44 0.62
C SER B 84 -2.05 -20.97 0.88
N LEU B 85 -1.64 -20.42 2.02
CA LEU B 85 -2.04 -19.05 2.37
C LEU B 85 -1.22 -17.98 1.66
N TYR B 86 -0.05 -18.37 1.15
CA TYR B 86 0.80 -17.46 0.39
C TYR B 86 1.76 -18.26 -0.48
N SER B 87 1.42 -18.37 -1.75
CA SER B 87 2.13 -19.20 -2.70
C SER B 87 3.61 -18.84 -2.85
N LYS B 88 4.46 -19.85 -2.97
CA LYS B 88 5.85 -19.63 -3.29
C LYS B 88 6.08 -19.62 -4.81
N GLU B 89 5.05 -19.97 -5.59
CA GLU B 89 5.16 -20.01 -7.05
C GLU B 89 5.17 -18.59 -7.62
N LEU B 90 6.05 -18.36 -8.59
CA LEU B 90 6.28 -17.02 -9.13
C LEU B 90 5.01 -16.28 -9.53
N VAL B 91 4.17 -16.91 -10.35
CA VAL B 91 3.03 -16.22 -10.93
C VAL B 91 1.90 -16.03 -9.91
N LYS B 92 1.57 -17.08 -9.15
CA LYS B 92 0.54 -16.93 -8.14
C LYS B 92 0.96 -15.94 -7.05
N GLN B 93 2.23 -15.99 -6.67
CA GLN B 93 2.73 -15.03 -5.70
C GLN B 93 2.54 -13.60 -6.20
N ALA B 94 2.77 -13.38 -7.49
CA ALA B 94 2.62 -12.04 -8.05
C ALA B 94 1.17 -11.57 -7.96
N LYS B 95 0.22 -12.48 -8.19
CA LYS B 95 -1.19 -12.15 -8.05
C LYS B 95 -1.50 -11.75 -6.59
N LEU B 96 -0.93 -12.50 -5.65
CA LEU B 96 -1.12 -12.22 -4.23
C LEU B 96 -0.50 -10.87 -3.86
N ASN B 97 0.74 -10.63 -4.31
CA ASN B 97 1.39 -9.35 -4.01
C ASN B 97 0.61 -8.17 -4.57
N ALA B 98 0.06 -8.33 -5.77
CA ALA B 98 -0.75 -7.26 -6.36
C ALA B 98 -1.96 -6.95 -5.47
N ALA B 99 -2.62 -8.01 -5.00
CA ALA B 99 -3.80 -7.85 -4.15
C ALA B 99 -3.44 -7.22 -2.81
N LEU B 100 -2.33 -7.62 -2.23
CA LEU B 100 -1.91 -7.05 -0.95
C LEU B 100 -1.61 -5.55 -1.08
N HIS B 101 -1.01 -5.15 -2.19
CA HIS B 101 -0.75 -3.74 -2.43
C HIS B 101 -2.00 -2.94 -2.78
N PHE B 102 -2.99 -3.59 -3.38
CA PHE B 102 -4.30 -2.99 -3.53
C PHE B 102 -4.89 -2.70 -2.14
N GLU B 103 -4.75 -3.62 -1.21
CA GLU B 103 -5.25 -3.37 0.13
C GLU B 103 -4.56 -2.19 0.81
N SER B 104 -3.23 -2.15 0.78
CA SER B 104 -2.54 -1.04 1.44
C SER B 104 -2.74 0.30 0.70
N GLY B 105 -2.65 0.26 -0.63
CA GLY B 105 -2.66 1.50 -1.40
C GLY B 105 -4.04 2.07 -1.69
N VAL B 106 -5.05 1.21 -1.65
CA VAL B 106 -6.41 1.64 -1.96
C VAL B 106 -7.36 1.46 -0.76
N LEU B 107 -7.59 0.23 -0.33
CA LEU B 107 -8.59 -0.02 0.70
C LEU B 107 -8.24 0.66 2.03
N PHE B 108 -7.09 0.31 2.61
CA PHE B 108 -6.74 0.90 3.90
C PHE B 108 -6.42 2.39 3.80
N ALA B 109 -5.71 2.80 2.75
CA ALA B 109 -5.37 4.21 2.61
C ALA B 109 -6.62 5.07 2.64
N ARG B 110 -7.66 4.62 1.94
CA ARG B 110 -8.87 5.43 1.83
C ARG B 110 -9.72 5.35 3.08
N LEU B 111 -9.70 4.20 3.73
CA LEU B 111 -10.32 4.04 5.05
C LEU B 111 -9.72 5.07 6.01
N ARG B 112 -8.39 5.18 5.99
CA ARG B 112 -7.69 6.09 6.90
C ARG B 112 -7.99 7.56 6.57
N PHE B 113 -8.09 7.87 5.28
N PHE B 113 -8.07 7.89 5.28
CA PHE B 113 -8.39 9.23 4.82
CA PHE B 113 -8.39 9.25 4.85
C PHE B 113 -9.75 9.71 5.33
C PHE B 113 -9.71 9.71 5.46
N VAL B 114 -10.64 8.77 5.63
CA VAL B 114 -11.95 9.08 6.19
C VAL B 114 -11.93 9.08 7.72
N CYS B 115 -11.30 8.08 8.32
CA CYS B 115 -11.41 7.86 9.77
C CYS B 115 -10.44 8.65 10.63
N GLU B 116 -9.22 8.84 10.14
CA GLU B 116 -8.19 9.51 10.94
C GLU B 116 -8.60 10.91 11.38
N PRO B 117 -9.14 11.73 10.46
CA PRO B 117 -9.51 13.10 10.85
C PRO B 117 -10.59 13.11 11.93
N ILE B 118 -11.49 12.12 11.90
CA ILE B 118 -12.51 12.02 12.92
C ILE B 118 -11.88 11.67 14.27
N LEU B 119 -11.00 10.67 14.25
CA LEU B 119 -10.46 10.12 15.49
C LEU B 119 -9.34 10.94 16.11
N PHE B 120 -8.63 11.73 15.29
CA PHE B 120 -7.44 12.43 15.78
C PHE B 120 -7.39 13.91 15.48
N ALA B 121 -8.36 14.42 14.70
CA ALA B 121 -8.37 15.82 14.35
C ALA B 121 -9.74 16.48 14.50
N GLY B 122 -10.55 15.95 15.42
CA GLY B 122 -11.82 16.55 15.77
C GLY B 122 -12.86 16.62 14.66
N GLY B 123 -12.67 15.83 13.61
CA GLY B 123 -13.60 15.83 12.49
C GLY B 123 -15.01 15.44 12.87
N SER B 124 -16.00 16.14 12.29
CA SER B 124 -17.40 15.90 12.59
C SER B 124 -18.22 15.63 11.33
N GLU B 125 -17.57 15.69 10.18
CA GLU B 125 -18.26 15.45 8.92
C GLU B 125 -17.30 14.80 7.93
N ILE B 126 -17.78 13.80 7.20
CA ILE B 126 -16.96 13.12 6.21
C ILE B 126 -17.15 13.80 4.86
N PRO B 127 -16.07 14.38 4.32
CA PRO B 127 -16.19 15.10 3.04
C PRO B 127 -16.69 14.18 1.94
N ALA B 128 -17.54 14.70 1.06
CA ALA B 128 -18.16 13.90 0.03
C ALA B 128 -17.15 13.22 -0.87
N ASP B 129 -16.06 13.92 -1.20
CA ASP B 129 -15.08 13.34 -2.10
C ASP B 129 -14.39 12.13 -1.47
N ARG B 130 -14.18 12.17 -0.16
CA ARG B 130 -13.53 11.05 0.52
C ARG B 130 -14.45 9.83 0.64
N ALA B 131 -15.73 10.08 0.86
CA ALA B 131 -16.72 9.00 0.85
C ALA B 131 -16.79 8.37 -0.54
N GLU B 132 -16.76 9.20 -1.57
CA GLU B 132 -16.79 8.68 -2.94
C GLU B 132 -15.50 7.91 -3.27
N TYR B 133 -14.37 8.34 -2.72
CA TYR B 133 -13.12 7.59 -2.89
C TYR B 133 -13.29 6.15 -2.40
N VAL B 134 -14.00 6.00 -1.28
CA VAL B 134 -14.28 4.67 -0.74
C VAL B 134 -15.27 3.92 -1.64
N GLN B 135 -16.31 4.60 -2.13
CA GLN B 135 -17.24 3.96 -3.06
C GLN B 135 -16.51 3.42 -4.28
N LYS B 136 -15.55 4.21 -4.78
CA LYS B 136 -14.73 3.77 -5.91
C LYS B 136 -13.91 2.55 -5.56
N ALA B 137 -13.42 2.48 -4.32
CA ALA B 137 -12.68 1.31 -3.87
C ALA B 137 -13.58 0.07 -3.82
N TYR B 138 -14.83 0.23 -3.39
CA TYR B 138 -15.77 -0.88 -3.41
C TYR B 138 -15.90 -1.43 -4.83
N GLN B 139 -16.02 -0.55 -5.81
CA GLN B 139 -16.17 -1.02 -7.19
C GLN B 139 -14.91 -1.74 -7.68
N LEU B 140 -13.74 -1.20 -7.35
CA LEU B 140 -12.48 -1.84 -7.71
C LEU B 140 -12.37 -3.23 -7.12
N LEU B 141 -12.81 -3.37 -5.87
CA LEU B 141 -12.84 -4.66 -5.20
C LEU B 141 -13.84 -5.63 -5.86
N GLU B 142 -15.03 -5.13 -6.19
CA GLU B 142 -16.05 -5.93 -6.83
C GLU B 142 -15.51 -6.51 -8.15
N ASP B 143 -14.78 -5.70 -8.90
CA ASP B 143 -14.21 -6.15 -10.16
C ASP B 143 -13.01 -7.06 -9.99
N THR B 144 -12.33 -6.94 -8.86
CA THR B 144 -11.22 -7.83 -8.51
C THR B 144 -11.72 -9.23 -8.17
N LEU B 145 -12.92 -9.31 -7.63
CA LEU B 145 -13.53 -10.57 -7.24
C LEU B 145 -14.12 -11.33 -8.43
N VAL B 146 -13.24 -11.83 -9.29
CA VAL B 146 -13.66 -12.63 -10.43
C VAL B 146 -13.85 -14.09 -10.01
N ASP B 147 -13.18 -14.48 -8.95
CA ASP B 147 -13.28 -15.83 -8.40
C ASP B 147 -13.86 -15.76 -6.98
N ASP B 148 -13.90 -16.90 -6.30
CA ASP B 148 -14.54 -16.96 -4.98
C ASP B 148 -13.82 -16.13 -3.93
N TYR B 149 -12.51 -16.03 -4.06
CA TYR B 149 -11.70 -15.27 -3.10
C TYR B 149 -10.95 -14.15 -3.83
N ILE B 150 -10.23 -13.33 -3.08
CA ILE B 150 -9.54 -12.17 -3.67
C ILE B 150 -8.61 -12.65 -4.78
N VAL B 151 -7.89 -13.72 -4.50
CA VAL B 151 -7.05 -14.37 -5.49
C VAL B 151 -7.42 -15.85 -5.56
N GLY B 152 -7.98 -16.26 -6.69
CA GLY B 152 -8.30 -17.65 -6.94
C GLY B 152 -9.50 -18.18 -6.17
N ASN B 153 -9.59 -19.49 -6.07
CA ASN B 153 -10.75 -20.11 -5.45
C ASN B 153 -10.48 -20.72 -4.09
N SER B 154 -9.40 -20.30 -3.45
CA SER B 154 -9.14 -20.73 -2.09
C SER B 154 -8.63 -19.56 -1.25
N LEU B 155 -8.81 -19.68 0.06
CA LEU B 155 -8.46 -18.66 1.03
C LEU B 155 -6.95 -18.38 1.07
N THR B 156 -6.60 -17.08 1.10
CA THR B 156 -5.20 -16.69 1.23
C THR B 156 -5.08 -15.46 2.13
N ILE B 157 -3.84 -15.05 2.41
CA ILE B 157 -3.65 -13.87 3.24
C ILE B 157 -4.20 -12.59 2.57
N ALA B 158 -4.38 -12.60 1.25
CA ALA B 158 -5.02 -11.46 0.59
C ALA B 158 -6.46 -11.29 1.08
N ASP B 159 -7.12 -12.39 1.38
CA ASP B 159 -8.47 -12.31 1.95
C ASP B 159 -8.45 -11.69 3.34
N PHE B 160 -7.48 -12.08 4.16
CA PHE B 160 -7.41 -11.56 5.53
C PHE B 160 -7.19 -10.05 5.51
N SER B 161 -6.29 -9.61 4.65
CA SER B 161 -5.95 -8.20 4.55
C SER B 161 -7.16 -7.41 4.07
N CYS B 162 -7.75 -7.84 2.97
CA CYS B 162 -8.88 -7.10 2.42
C CYS B 162 -10.10 -7.10 3.35
N VAL B 163 -10.42 -8.23 3.97
CA VAL B 163 -11.63 -8.26 4.80
C VAL B 163 -11.46 -7.40 6.05
N SER B 164 -10.24 -7.35 6.58
CA SER B 164 -10.01 -6.58 7.80
C SER B 164 -10.40 -5.11 7.61
N SER B 165 -10.08 -4.54 6.45
CA SER B 165 -10.43 -3.15 6.19
C SER B 165 -11.86 -2.98 5.65
N VAL B 166 -12.29 -3.83 4.73
CA VAL B 166 -13.66 -3.73 4.20
C VAL B 166 -14.71 -3.85 5.30
N SER B 167 -14.53 -4.84 6.19
CA SER B 167 -15.50 -5.07 7.26
C SER B 167 -15.58 -3.87 8.21
N SER B 168 -14.50 -3.09 8.26
CA SER B 168 -14.46 -1.90 9.11
C SER B 168 -15.15 -0.72 8.43
N ILE B 169 -14.68 -0.38 7.23
CA ILE B 169 -15.17 0.82 6.56
C ILE B 169 -16.65 0.72 6.15
N MET B 170 -17.14 -0.49 5.89
CA MET B 170 -18.54 -0.66 5.50
C MET B 170 -19.49 -0.29 6.62
N GLY B 171 -18.98 -0.17 7.85
CA GLY B 171 -19.78 0.29 8.97
C GLY B 171 -19.82 1.80 9.09
N VAL B 172 -19.09 2.48 8.22
CA VAL B 172 -19.01 3.95 8.23
C VAL B 172 -19.49 4.54 6.91
N ILE B 173 -19.03 3.98 5.80
CA ILE B 173 -19.46 4.38 4.46
C ILE B 173 -20.32 3.27 3.89
N PRO B 174 -21.62 3.53 3.68
CA PRO B 174 -22.53 2.46 3.28
C PRO B 174 -22.08 1.75 2.00
N MET B 175 -22.13 0.42 2.03
CA MET B 175 -21.71 -0.42 0.92
C MET B 175 -22.96 -1.11 0.38
N ASP B 176 -23.49 -0.57 -0.72
CA ASP B 176 -24.79 -0.99 -1.24
C ASP B 176 -24.73 -2.43 -1.75
N LYS B 177 -25.49 -3.31 -1.11
CA LYS B 177 -25.47 -4.72 -1.47
C LYS B 177 -26.01 -4.98 -2.87
N GLU B 178 -26.89 -4.11 -3.35
CA GLU B 178 -27.40 -4.26 -4.71
C GLU B 178 -26.35 -3.89 -5.75
N LYS B 179 -25.42 -3.01 -5.37
CA LYS B 179 -24.33 -2.63 -6.27
C LYS B 179 -23.16 -3.62 -6.18
N PHE B 180 -22.95 -4.20 -5.00
CA PHE B 180 -21.75 -5.01 -4.78
C PHE B 180 -22.09 -6.40 -4.24
N PRO B 181 -22.86 -7.17 -5.00
CA PRO B 181 -23.25 -8.52 -4.54
C PRO B 181 -22.05 -9.45 -4.32
N LYS B 182 -21.01 -9.34 -5.14
CA LYS B 182 -19.86 -10.24 -4.99
C LYS B 182 -19.07 -9.98 -3.71
N ILE B 183 -18.98 -8.72 -3.30
CA ILE B 183 -18.30 -8.40 -2.05
C ILE B 183 -19.05 -9.06 -0.90
N TYR B 184 -20.37 -8.94 -0.87
CA TYR B 184 -21.15 -9.55 0.20
C TYR B 184 -21.09 -11.09 0.19
N GLY B 185 -21.06 -11.70 -0.99
CA GLY B 185 -20.91 -13.15 -1.09
C GLY B 185 -19.57 -13.61 -0.53
N TRP B 186 -18.54 -12.82 -0.83
CA TRP B 186 -17.19 -13.11 -0.33
C TRP B 186 -17.10 -12.90 1.19
N LEU B 187 -17.71 -11.84 1.69
CA LEU B 187 -17.78 -11.62 3.14
C LEU B 187 -18.44 -12.81 3.83
N ASP B 188 -19.52 -13.34 3.24
CA ASP B 188 -20.20 -14.52 3.79
C ASP B 188 -19.29 -15.74 3.89
N ARG B 189 -18.45 -15.96 2.88
CA ARG B 189 -17.48 -17.05 2.93
C ARG B 189 -16.54 -16.90 4.11
N LEU B 190 -16.03 -15.68 4.31
CA LEU B 190 -15.07 -15.44 5.38
C LEU B 190 -15.72 -15.54 6.76
N LYS B 191 -16.97 -15.09 6.86
CA LYS B 191 -17.71 -15.13 8.11
C LYS B 191 -17.99 -16.57 8.56
N ALA B 192 -17.90 -17.50 7.62
CA ALA B 192 -18.08 -18.91 7.96
C ALA B 192 -16.86 -19.52 8.64
N LEU B 193 -15.72 -18.82 8.62
CA LEU B 193 -14.55 -19.31 9.34
C LEU B 193 -14.82 -19.26 10.84
N PRO B 194 -14.49 -20.35 11.56
CA PRO B 194 -14.83 -20.42 12.99
C PRO B 194 -14.15 -19.32 13.80
N TYR B 195 -13.03 -18.82 13.32
CA TYR B 195 -12.26 -17.81 14.04
C TYR B 195 -12.53 -16.39 13.57
N TYR B 196 -13.42 -16.22 12.61
CA TYR B 196 -13.65 -14.90 12.02
C TYR B 196 -14.14 -13.85 13.01
N GLU B 197 -15.16 -14.18 13.81
CA GLU B 197 -15.77 -13.16 14.67
C GLU B 197 -14.80 -12.68 15.74
N ALA B 198 -14.11 -13.62 16.37
CA ALA B 198 -13.18 -13.27 17.44
C ALA B 198 -11.96 -12.52 16.91
N ALA B 199 -11.38 -13.00 15.81
CA ALA B 199 -10.16 -12.41 15.26
C ALA B 199 -10.43 -11.10 14.52
N ASN B 200 -11.61 -10.98 13.92
CA ASN B 200 -11.89 -9.81 13.09
C ASN B 200 -13.24 -9.13 13.28
N GLY B 201 -14.31 -9.90 13.21
CA GLY B 201 -15.65 -9.32 13.18
C GLY B 201 -15.92 -8.38 14.34
N SER B 202 -15.56 -8.83 15.54
CA SER B 202 -15.77 -8.07 16.74
C SER B 202 -15.12 -6.69 16.66
N GLY B 203 -13.86 -6.65 16.22
CA GLY B 203 -13.12 -5.40 16.17
C GLY B 203 -13.56 -4.49 15.04
N ALA B 204 -14.02 -5.10 13.94
CA ALA B 204 -14.54 -4.32 12.82
C ALA B 204 -15.79 -3.57 13.24
N GLU B 205 -16.66 -4.26 13.97
CA GLU B 205 -17.88 -3.62 14.45
C GLU B 205 -17.53 -2.55 15.48
N GLN B 206 -16.59 -2.87 16.36
CA GLN B 206 -16.18 -1.94 17.40
C GLN B 206 -15.57 -0.65 16.81
N VAL B 207 -14.71 -0.76 15.81
CA VAL B 207 -14.07 0.43 15.27
C VAL B 207 -15.06 1.33 14.54
N ALA B 208 -16.00 0.73 13.80
CA ALA B 208 -17.00 1.53 13.10
C ALA B 208 -17.85 2.30 14.11
N GLN B 209 -18.25 1.61 15.18
CA GLN B 209 -19.06 2.24 16.21
C GLN B 209 -18.29 3.39 16.89
N PHE B 210 -17.00 3.19 17.10
CA PHE B 210 -16.17 4.22 17.71
C PHE B 210 -16.05 5.46 16.80
N VAL B 211 -15.79 5.22 15.52
CA VAL B 211 -15.70 6.31 14.56
C VAL B 211 -17.00 7.12 14.52
N LEU B 212 -18.13 6.43 14.44
CA LEU B 212 -19.41 7.13 14.36
C LEU B 212 -19.71 7.89 15.66
N SER B 213 -19.38 7.28 16.79
CA SER B 213 -19.55 7.91 18.09
C SER B 213 -18.73 9.19 18.22
N GLN B 214 -17.46 9.11 17.84
CA GLN B 214 -16.57 10.26 17.91
C GLN B 214 -17.02 11.37 16.96
N LYS B 215 -17.47 10.99 15.76
CA LYS B 215 -17.91 11.97 14.79
C LYS B 215 -19.08 12.77 15.37
N GLU B 216 -20.00 12.06 16.02
CA GLU B 216 -21.16 12.70 16.63
C GLU B 216 -20.79 13.57 17.84
N LYS B 217 -19.88 13.07 18.68
CA LYS B 217 -19.37 13.89 19.79
C LYS B 217 -18.77 15.17 19.26
N ASN B 218 -18.01 15.06 18.18
CA ASN B 218 -17.37 16.23 17.57
C ASN B 218 -18.39 17.21 16.99
N ALA B 219 -19.44 16.66 16.37
CA ALA B 219 -20.49 17.49 15.80
C ALA B 219 -21.27 18.22 16.89
N GLN B 220 -21.45 17.55 18.02
CA GLN B 220 -22.30 18.09 19.09
C GLN B 220 -21.55 19.01 20.04
N LYS B 221 -20.24 19.13 19.86
CA LYS B 221 -19.43 20.04 20.67
C LYS B 221 -19.82 21.48 20.41
#